data_3GWR
#
_entry.id   3GWR
#
_cell.length_a   41.445
_cell.length_b   89.655
_cell.length_c   90.259
_cell.angle_alpha   90.000
_cell.angle_beta   90.000
_cell.angle_gamma   90.000
#
_symmetry.space_group_name_H-M   'P 21 21 21'
#
loop_
_entity.id
_entity.type
_entity.pdbx_description
1 polymer 'Putative calcium/calmodulin-dependent protein kinase type II association domain'
2 non-polymer 'UNKNOWN LIGAND'
3 non-polymer 'TETRAETHYLENE GLYCOL'
4 water water
#
_entity_poly.entity_id   1
_entity_poly.type   'polypeptide(L)'
_entity_poly.pdbx_seq_one_letter_code
;G(MSE)SEPVFPTPEAAEDAFYAAFEARSLDD(MSE)(MSE)AVWARDDHVACIHPLAAPLNGRAAVAAGWRS(MSE)FG
AAGRFRLQVKAVHEIRQADHVIRIVDEFLTIGDETAPRPAILATNVYRREADGWR(MSE)VLHHASPLQVGAKAGADTPP
VVFH
;
_entity_poly.pdbx_strand_id   A,B
#
# COMPACT_ATOMS: atom_id res chain seq x y z
N GLU A 4 20.38 19.15 -4.40
CA GLU A 4 19.54 17.93 -4.17
C GLU A 4 19.29 17.75 -2.67
N PRO A 5 18.05 17.97 -2.20
CA PRO A 5 17.77 17.83 -0.76
C PRO A 5 17.90 16.40 -0.22
N VAL A 6 18.35 16.27 1.01
CA VAL A 6 18.49 14.97 1.67
CA VAL A 6 18.53 14.98 1.68
C VAL A 6 17.62 14.97 2.92
N PHE A 7 16.87 13.90 3.12
CA PHE A 7 15.95 13.80 4.25
C PHE A 7 16.49 12.79 5.27
N PRO A 8 16.85 13.26 6.46
CA PRO A 8 17.44 12.36 7.45
C PRO A 8 16.55 11.29 8.08
N THR A 9 15.24 11.43 7.97
CA THR A 9 14.33 10.47 8.54
C THR A 9 13.16 10.33 7.61
N PRO A 10 12.45 9.22 7.72
CA PRO A 10 11.24 9.06 6.94
C PRO A 10 10.23 10.17 7.21
N GLU A 11 10.17 10.64 8.45
CA GLU A 11 9.27 11.72 8.85
C GLU A 11 9.59 13.01 8.14
N ALA A 12 10.88 13.28 7.96
CA ALA A 12 11.30 14.50 7.23
C ALA A 12 10.92 14.41 5.76
N ALA A 13 10.99 13.20 5.19
CA ALA A 13 10.60 12.97 3.83
C ALA A 13 9.09 13.15 3.68
N GLU A 14 8.33 12.64 4.64
CA GLU A 14 6.87 12.78 4.63
C GLU A 14 6.44 14.25 4.74
N ASP A 15 7.09 14.99 5.62
CA ASP A 15 6.80 16.40 5.74
C ASP A 15 6.97 17.13 4.42
N ALA A 16 8.06 16.82 3.73
CA ALA A 16 8.36 17.41 2.42
C ALA A 16 7.35 16.93 1.39
N PHE A 17 6.96 15.67 1.47
CA PHE A 17 5.97 15.11 0.52
C PHE A 17 4.66 15.90 0.59
N TYR A 18 4.17 16.10 1.81
CA TYR A 18 2.92 16.81 2.01
C TYR A 18 2.99 18.32 1.76
N ALA A 19 4.15 18.93 2.00
CA ALA A 19 4.34 20.37 1.68
C ALA A 19 4.27 20.54 0.15
N ALA A 20 4.92 19.63 -0.59
CA ALA A 20 4.93 19.64 -2.07
C ALA A 20 3.52 19.44 -2.61
N PHE A 21 2.85 18.46 -2.03
CA PHE A 21 1.46 18.11 -2.34
C PHE A 21 0.55 19.35 -2.19
N GLU A 22 0.60 20.01 -1.04
CA GLU A 22 -0.27 21.14 -0.79
C GLU A 22 0.09 22.34 -1.69
N ALA A 23 1.39 22.56 -1.93
CA ALA A 23 1.88 23.62 -2.81
C ALA A 23 1.68 23.29 -4.29
N ARG A 24 1.38 22.05 -4.59
CA ARG A 24 1.30 21.57 -5.97
C ARG A 24 2.58 21.95 -6.73
N SER A 25 3.73 21.59 -6.13
CA SER A 25 5.04 21.86 -6.71
C SER A 25 5.64 20.54 -7.19
N LEU A 26 5.63 20.30 -8.50
CA LEU A 26 6.16 19.06 -9.06
C LEU A 26 7.66 18.91 -8.78
N ASP A 27 8.41 19.99 -8.87
CA ASP A 27 9.85 19.92 -8.64
C ASP A 27 10.16 19.49 -7.21
N ASP A 28 9.51 20.12 -6.25
CA ASP A 28 9.68 19.73 -4.87
C ASP A 28 9.16 18.31 -4.63
N ALA A 31 11.54 15.64 -5.70
CA ALA A 31 12.74 15.65 -4.86
C ALA A 31 12.62 14.64 -3.71
N VAL A 32 11.40 14.25 -3.37
CA VAL A 32 11.12 13.33 -2.29
C VAL A 32 11.20 11.86 -2.72
N TRP A 33 10.97 11.59 -4.00
CA TRP A 33 10.99 10.22 -4.51
C TRP A 33 12.38 9.68 -4.83
N ALA A 34 12.56 8.37 -4.69
CA ALA A 34 13.80 7.71 -5.07
C ALA A 34 14.16 8.12 -6.48
N ARG A 35 15.46 8.28 -6.73
CA ARG A 35 15.98 8.71 -8.02
C ARG A 35 16.28 7.50 -8.89
N ASP A 36 15.33 6.58 -9.00
CA ASP A 36 15.47 5.41 -9.86
C ASP A 36 14.09 4.90 -10.18
N ASP A 37 13.98 3.92 -11.06
CA ASP A 37 12.66 3.45 -11.49
C ASP A 37 11.97 2.46 -10.57
N HIS A 38 12.56 2.20 -9.40
CA HIS A 38 11.98 1.27 -8.43
C HIS A 38 10.96 2.02 -7.56
N VAL A 39 9.93 2.58 -8.22
CA VAL A 39 8.92 3.43 -7.57
C VAL A 39 7.55 3.28 -8.25
N ALA A 40 6.47 3.51 -7.50
CA ALA A 40 5.10 3.44 -8.03
C ALA A 40 4.18 4.34 -7.23
N CYS A 41 3.07 4.75 -7.82
CA CYS A 41 2.15 5.66 -7.15
C CYS A 41 0.75 5.35 -7.60
N ILE A 42 -0.14 5.15 -6.63
CA ILE A 42 -1.56 4.83 -6.89
C ILE A 42 -2.40 5.96 -6.30
N HIS A 43 -3.06 6.72 -7.17
CA HIS A 43 -3.97 7.80 -6.76
C HIS A 43 -5.34 7.16 -6.49
N PRO A 44 -6.21 7.86 -5.75
CA PRO A 44 -7.47 7.22 -5.40
C PRO A 44 -8.24 6.67 -6.57
N LEU A 45 -8.58 5.39 -6.47
CA LEU A 45 -9.36 4.66 -7.49
C LEU A 45 -8.64 4.47 -8.82
N ALA A 46 -7.33 4.73 -8.84
CA ALA A 46 -6.55 4.59 -10.07
C ALA A 46 -5.71 3.31 -10.09
N ALA A 47 -5.30 2.94 -11.30
CA ALA A 47 -4.36 1.87 -11.53
C ALA A 47 -2.99 2.51 -11.20
N PRO A 48 -1.98 1.69 -10.97
CA PRO A 48 -0.70 2.27 -10.57
C PRO A 48 0.11 2.92 -11.68
N LEU A 49 0.92 3.90 -11.30
CA LEU A 49 1.89 4.52 -12.17
C LEU A 49 3.27 3.96 -11.76
N ASN A 50 3.97 3.36 -12.73
CA ASN A 50 5.20 2.61 -12.53
C ASN A 50 6.43 3.28 -13.14
N GLY A 51 7.48 3.50 -12.34
CA GLY A 51 8.69 4.18 -12.81
C GLY A 51 8.61 5.69 -12.61
N ARG A 52 9.78 6.35 -12.57
CA ARG A 52 9.87 7.79 -12.28
C ARG A 52 9.08 8.67 -13.23
N ALA A 53 9.18 8.38 -14.52
CA ALA A 53 8.51 9.19 -15.52
C ALA A 53 6.99 9.19 -15.34
N ALA A 54 6.43 8.01 -15.09
CA ALA A 54 5.00 7.85 -14.95
C ALA A 54 4.51 8.53 -13.63
N VAL A 55 5.25 8.31 -12.57
CA VAL A 55 4.93 8.92 -11.30
C VAL A 55 4.92 10.45 -11.45
N ALA A 56 5.94 11.01 -12.12
CA ALA A 56 6.02 12.47 -12.33
C ALA A 56 4.84 12.94 -13.17
N ALA A 57 4.46 12.17 -14.19
CA ALA A 57 3.33 12.54 -15.07
C ALA A 57 2.02 12.52 -14.28
N GLY A 58 1.93 11.59 -13.35
CA GLY A 58 0.79 11.46 -12.46
C GLY A 58 0.63 12.66 -11.57
N TRP A 59 1.71 13.08 -10.94
CA TRP A 59 1.65 14.25 -10.03
C TRP A 59 1.38 15.51 -10.83
N ARG A 60 1.95 15.59 -12.02
CA ARG A 60 1.74 16.75 -12.86
C ARG A 60 0.26 16.83 -13.19
N SER A 61 -0.28 15.69 -13.55
CA SER A 61 -1.68 15.61 -13.92
C SER A 61 -2.61 15.92 -12.73
N PHE A 63 -1.76 17.66 -9.85
CA PHE A 63 -1.56 19.09 -9.54
C PHE A 63 -2.20 20.02 -10.58
N GLY A 64 -2.17 19.63 -11.84
CA GLY A 64 -2.74 20.44 -12.90
C GLY A 64 -4.25 20.52 -12.93
N ALA A 65 -4.90 19.50 -12.35
CA ALA A 65 -6.35 19.35 -12.41
C ALA A 65 -7.06 19.72 -11.13
N ALA A 66 -6.29 19.66 -10.04
CA ALA A 66 -6.86 19.80 -8.70
C ALA A 66 -7.36 21.14 -8.29
N GLY A 67 -6.78 22.21 -8.82
CA GLY A 67 -7.11 23.53 -8.31
C GLY A 67 -6.47 23.62 -6.92
N ARG A 68 -6.74 24.70 -6.20
CA ARG A 68 -6.17 24.90 -4.88
C ARG A 68 -7.01 24.19 -3.80
N PHE A 69 -6.33 23.73 -2.75
CA PHE A 69 -6.96 23.04 -1.59
C PHE A 69 -6.04 23.17 -0.39
N ARG A 70 -6.60 23.00 0.80
CA ARG A 70 -5.80 22.96 2.03
C ARG A 70 -5.64 21.46 2.40
N LEU A 71 -4.59 21.12 3.11
CA LEU A 71 -4.32 19.74 3.50
C LEU A 71 -3.95 19.60 4.97
N GLN A 72 -4.53 18.59 5.62
CA GLN A 72 -4.20 18.24 7.00
C GLN A 72 -3.97 16.75 6.96
N VAL A 73 -2.99 16.24 7.72
CA VAL A 73 -2.69 14.82 7.71
C VAL A 73 -2.57 14.31 9.14
N LYS A 74 -3.04 13.09 9.39
CA LYS A 74 -2.91 12.46 10.71
C LYS A 74 -2.37 11.05 10.52
N ALA A 75 -1.26 10.76 11.21
CA ALA A 75 -0.64 9.45 11.13
C ALA A 75 -1.51 8.45 11.84
N VAL A 76 -1.73 7.27 11.25
CA VAL A 76 -2.55 6.25 11.90
C VAL A 76 -1.78 4.96 12.22
N HIS A 77 -0.71 4.68 11.52
CA HIS A 77 0.07 3.45 11.82
C HIS A 77 1.46 3.55 11.17
N GLU A 78 2.44 2.90 11.79
CA GLU A 78 3.81 2.86 11.28
CA GLU A 78 3.80 2.86 11.28
C GLU A 78 4.38 1.46 11.47
N ILE A 79 5.25 1.05 10.52
CA ILE A 79 5.97 -0.20 10.53
C ILE A 79 7.43 0.21 10.27
N ARG A 80 8.25 0.14 11.29
CA ARG A 80 9.62 0.61 11.19
C ARG A 80 10.62 -0.54 11.11
N GLN A 81 11.45 -0.52 10.07
CA GLN A 81 12.56 -1.46 9.91
C GLN A 81 13.79 -0.66 9.48
N ALA A 82 14.93 -1.33 9.46
CA ALA A 82 16.21 -0.67 9.21
C ALA A 82 16.32 0.10 7.88
N ASP A 83 15.83 -0.50 6.78
CA ASP A 83 15.98 0.04 5.43
C ASP A 83 14.68 0.41 4.74
N HIS A 84 13.55 0.06 5.33
CA HIS A 84 12.23 0.49 4.83
C HIS A 84 11.32 0.82 6.03
N VAL A 85 10.60 1.92 5.90
CA VAL A 85 9.62 2.37 6.89
C VAL A 85 8.29 2.66 6.18
N ILE A 86 7.19 2.18 6.76
CA ILE A 86 5.86 2.30 6.17
C ILE A 86 5.03 3.14 7.10
N ARG A 87 4.44 4.21 6.56
CA ARG A 87 3.57 5.07 7.32
C ARG A 87 2.19 5.07 6.69
N ILE A 88 1.14 4.84 7.49
CA ILE A 88 -0.23 4.86 7.00
C ILE A 88 -0.87 6.11 7.60
N VAL A 89 -1.47 6.94 6.76
CA VAL A 89 -2.00 8.21 7.22
C VAL A 89 -3.37 8.54 6.66
N ASP A 90 -4.11 9.32 7.42
CA ASP A 90 -5.37 9.88 6.95
C ASP A 90 -5.05 11.25 6.39
N GLU A 91 -5.52 11.52 5.18
CA GLU A 91 -5.32 12.79 4.50
C GLU A 91 -6.67 13.54 4.40
N PHE A 92 -6.72 14.73 4.95
CA PHE A 92 -7.95 15.53 4.95
C PHE A 92 -7.82 16.75 4.03
N LEU A 93 -8.48 16.70 2.89
CA LEU A 93 -8.46 17.83 1.97
C LEU A 93 -9.65 18.74 2.21
N THR A 94 -9.41 20.05 2.25
CA THR A 94 -10.48 21.07 2.28
C THR A 94 -10.38 21.83 0.96
N ILE A 95 -11.47 21.81 0.20
CA ILE A 95 -11.51 22.47 -1.11
C ILE A 95 -12.24 23.79 -0.96
N GLY A 96 -11.66 24.85 -1.51
CA GLY A 96 -12.26 26.19 -1.50
C GLY A 96 -12.86 26.69 -0.19
N ASP A 97 -13.98 27.40 -0.30
CA ASP A 97 -14.65 28.00 0.86
C ASP A 97 -15.47 27.00 1.70
N GLU A 98 -15.30 25.70 1.49
CA GLU A 98 -16.03 24.71 2.28
C GLU A 98 -15.56 24.81 3.71
N THR A 99 -16.50 24.72 4.65
CA THR A 99 -16.16 24.83 6.06
C THR A 99 -15.29 23.63 6.46
N ALA A 100 -15.91 22.47 6.71
CA ALA A 100 -15.16 21.27 7.10
C ALA A 100 -14.47 20.57 5.91
N PRO A 101 -13.53 19.66 6.21
CA PRO A 101 -12.85 18.96 5.13
C PRO A 101 -13.68 17.83 4.56
N ARG A 102 -13.34 17.43 3.36
CA ARG A 102 -13.98 16.29 2.72
C ARG A 102 -13.65 15.01 3.50
N PRO A 103 -14.36 13.92 3.20
CA PRO A 103 -13.99 12.66 3.83
C PRO A 103 -12.53 12.27 3.55
N ALA A 104 -11.91 11.66 4.55
CA ALA A 104 -10.52 11.25 4.51
C ALA A 104 -10.16 10.26 3.41
N ILE A 105 -8.97 10.46 2.85
CA ILE A 105 -8.36 9.57 1.91
C ILE A 105 -7.31 8.86 2.77
N LEU A 106 -7.19 7.55 2.62
CA LEU A 106 -6.22 6.79 3.39
C LEU A 106 -5.02 6.61 2.49
N ALA A 107 -3.81 6.75 3.03
CA ALA A 107 -2.62 6.54 2.21
C ALA A 107 -1.55 5.69 2.86
N THR A 108 -1.01 4.74 2.11
CA THR A 108 0.17 4.00 2.54
C THR A 108 1.40 4.62 1.85
N ASN A 109 2.35 5.13 2.64
CA ASN A 109 3.61 5.66 2.12
C ASN A 109 4.78 4.78 2.58
N VAL A 110 5.71 4.45 1.68
CA VAL A 110 6.84 3.60 1.97
C VAL A 110 8.12 4.34 1.63
N TYR A 111 8.98 4.48 2.64
CA TYR A 111 10.29 5.13 2.51
C TYR A 111 11.43 4.11 2.55
N ARG A 112 12.42 4.32 1.68
CA ARG A 112 13.60 3.46 1.61
C ARG A 112 14.79 4.25 2.10
N ARG A 113 15.68 3.60 2.87
CA ARG A 113 16.88 4.25 3.35
C ARG A 113 17.98 4.18 2.28
N GLU A 114 18.61 5.32 2.01
CA GLU A 114 19.75 5.41 1.07
C GLU A 114 20.98 5.75 1.89
N ALA A 115 22.11 5.94 1.23
CA ALA A 115 23.37 6.20 1.92
C ALA A 115 23.36 7.48 2.78
N ASP A 116 22.66 8.50 2.32
CA ASP A 116 22.65 9.80 2.98
C ASP A 116 21.30 10.26 3.52
N GLY A 117 20.25 9.49 3.31
CA GLY A 117 18.92 9.87 3.79
C GLY A 117 17.85 8.90 3.29
N TRP A 118 16.59 9.32 3.37
CA TRP A 118 15.44 8.51 2.97
C TRP A 118 14.70 9.12 1.80
N ARG A 119 14.04 8.26 1.02
CA ARG A 119 13.26 8.68 -0.14
CA ARG A 119 13.27 8.64 -0.17
C ARG A 119 12.00 7.79 -0.29
N VAL A 121 9.33 5.48 -2.09
CA VAL A 121 9.31 4.49 -3.20
C VAL A 121 7.87 4.13 -3.57
N LEU A 122 6.91 4.39 -2.68
CA LEU A 122 5.50 4.11 -3.01
C LEU A 122 4.52 4.98 -2.24
N HIS A 123 3.42 5.30 -2.92
CA HIS A 123 2.27 6.02 -2.34
C HIS A 123 1.07 5.30 -2.87
N HIS A 124 0.20 4.84 -1.99
CA HIS A 124 -1.01 4.14 -2.38
C HIS A 124 -2.16 4.78 -1.59
N ALA A 125 -2.99 5.53 -2.31
CA ALA A 125 -4.12 6.26 -1.71
C ALA A 125 -5.43 5.62 -2.07
N SER A 126 -6.33 5.55 -1.10
CA SER A 126 -7.66 4.98 -1.33
C SER A 126 -8.71 5.68 -0.51
N PRO A 127 -9.98 5.65 -0.98
CA PRO A 127 -11.09 6.26 -0.26
C PRO A 127 -11.53 5.40 0.90
N LEU A 128 -12.19 6.01 1.87
CA LEU A 128 -12.71 5.31 3.05
C LEU A 128 -14.23 5.31 2.99
N GLN A 129 -14.86 4.14 3.09
CA GLN A 129 -16.33 4.05 3.06
C GLN A 129 -16.98 4.95 4.12
N SER B 3 4.34 -27.53 13.74
CA SER B 3 5.13 -27.05 12.57
C SER B 3 4.59 -25.77 11.93
N GLU B 4 5.50 -24.83 11.65
CA GLU B 4 5.13 -23.58 11.00
C GLU B 4 5.81 -23.49 9.64
N PRO B 5 5.07 -23.07 8.59
CA PRO B 5 5.70 -23.01 7.28
C PRO B 5 6.72 -21.91 7.10
N VAL B 6 7.70 -22.16 6.24
CA VAL B 6 8.68 -21.16 5.86
C VAL B 6 8.58 -20.99 4.32
N PHE B 7 8.48 -19.75 3.89
CA PHE B 7 8.37 -19.37 2.48
C PHE B 7 9.71 -18.86 1.98
N PRO B 8 10.29 -19.57 1.01
CA PRO B 8 11.65 -19.20 0.61
C PRO B 8 11.79 -17.94 -0.18
N THR B 9 10.71 -17.41 -0.76
CA THR B 9 10.79 -16.22 -1.59
C THR B 9 9.49 -15.42 -1.41
N PRO B 10 9.51 -14.15 -1.81
CA PRO B 10 8.27 -13.35 -1.81
C PRO B 10 7.19 -13.95 -2.71
N GLU B 11 7.56 -14.56 -3.82
CA GLU B 11 6.59 -15.18 -4.68
C GLU B 11 5.87 -16.34 -3.98
N ALA B 12 6.62 -17.10 -3.18
CA ALA B 12 6.01 -18.24 -2.41
C ALA B 12 5.06 -17.72 -1.34
N ALA B 13 5.44 -16.62 -0.69
CA ALA B 13 4.53 -16.01 0.29
C ALA B 13 3.27 -15.54 -0.41
N GLU B 14 3.38 -14.92 -1.58
CA GLU B 14 2.19 -14.43 -2.29
CA GLU B 14 2.23 -14.43 -2.36
C GLU B 14 1.32 -15.58 -2.75
N ASP B 15 1.94 -16.66 -3.25
CA ASP B 15 1.20 -17.84 -3.62
C ASP B 15 0.41 -18.40 -2.41
N ALA B 16 1.07 -18.49 -1.24
CA ALA B 16 0.44 -18.95 -0.03
C ALA B 16 -0.73 -18.01 0.40
N PHE B 17 -0.52 -16.70 0.26
CA PHE B 17 -1.52 -15.71 0.62
C PHE B 17 -2.80 -15.91 -0.18
N TYR B 18 -2.67 -16.01 -1.49
CA TYR B 18 -3.87 -16.15 -2.32
C TYR B 18 -4.56 -17.50 -2.21
N ALA B 19 -3.79 -18.56 -1.92
CA ALA B 19 -4.34 -19.87 -1.72
C ALA B 19 -5.17 -19.86 -0.43
N ALA B 20 -4.63 -19.28 0.64
CA ALA B 20 -5.35 -19.18 1.90
C ALA B 20 -6.63 -18.35 1.72
N PHE B 21 -6.54 -17.28 0.92
CA PHE B 21 -7.66 -16.40 0.63
C PHE B 21 -8.80 -17.17 -0.06
N GLU B 22 -8.48 -17.86 -1.16
CA GLU B 22 -9.52 -18.60 -1.88
C GLU B 22 -10.09 -19.75 -1.03
N ALA B 23 -9.26 -20.43 -0.24
CA ALA B 23 -9.75 -21.55 0.60
C ALA B 23 -10.49 -21.05 1.84
N ARG B 24 -10.40 -19.75 2.11
CA ARG B 24 -10.92 -19.15 3.32
C ARG B 24 -10.36 -19.90 4.53
N SER B 25 -9.04 -20.10 4.53
CA SER B 25 -8.36 -20.78 5.66
C SER B 25 -7.63 -19.77 6.56
N LEU B 26 -8.17 -19.53 7.76
CA LEU B 26 -7.59 -18.59 8.71
C LEU B 26 -6.17 -19.02 9.20
N ASP B 27 -6.02 -20.30 9.55
CA ASP B 27 -4.73 -20.81 10.03
C ASP B 27 -3.67 -20.63 8.96
N ASP B 28 -4.00 -21.00 7.73
CA ASP B 28 -3.06 -20.84 6.64
C ASP B 28 -2.79 -19.37 6.36
N ALA B 31 -0.46 -17.79 8.88
CA ALA B 31 0.93 -18.30 8.78
C ALA B 31 1.75 -17.51 7.74
N VAL B 32 1.10 -16.80 6.85
CA VAL B 32 1.77 -15.99 5.81
C VAL B 32 2.23 -14.64 6.38
N TRP B 33 1.49 -14.12 7.36
CA TRP B 33 1.80 -12.85 7.99
C TRP B 33 2.96 -12.97 8.97
N ALA B 34 3.79 -11.94 9.01
CA ALA B 34 4.89 -11.83 9.95
C ALA B 34 4.37 -11.93 11.39
N ARG B 35 5.21 -12.50 12.27
CA ARG B 35 4.85 -12.62 13.67
C ARG B 35 5.28 -11.34 14.34
N ASP B 36 4.63 -10.27 13.95
CA ASP B 36 4.97 -8.92 14.36
C ASP B 36 3.64 -8.23 14.62
N ASP B 37 3.55 -7.53 15.74
CA ASP B 37 2.28 -6.90 16.06
C ASP B 37 2.04 -5.57 15.34
N HIS B 38 2.89 -5.21 14.39
CA HIS B 38 2.69 -3.99 13.60
C HIS B 38 2.25 -4.29 12.20
N VAL B 39 1.85 -5.51 11.93
CA VAL B 39 1.35 -5.81 10.61
C VAL B 39 0.06 -5.01 10.42
N ALA B 40 -0.30 -4.81 9.17
CA ALA B 40 -1.49 -4.04 8.86
C ALA B 40 -2.17 -4.54 7.59
N CYS B 41 -3.50 -4.51 7.61
CA CYS B 41 -4.31 -5.03 6.49
C CYS B 41 -5.48 -4.06 6.19
N ILE B 42 -5.53 -3.57 4.96
CA ILE B 42 -6.56 -2.64 4.53
C ILE B 42 -7.38 -3.34 3.48
N HIS B 43 -8.67 -3.59 3.79
CA HIS B 43 -9.60 -4.21 2.84
C HIS B 43 -10.26 -3.07 2.04
N PRO B 44 -10.83 -3.38 0.86
CA PRO B 44 -11.36 -2.32 0.02
C PRO B 44 -12.31 -1.36 0.73
N LEU B 45 -11.97 -0.07 0.61
CA LEU B 45 -12.73 1.05 1.13
C LEU B 45 -12.73 1.12 2.65
N ALA B 46 -11.85 0.34 3.29
CA ALA B 46 -11.78 0.30 4.77
C ALA B 46 -10.58 1.03 5.39
N ALA B 47 -10.69 1.26 6.71
CA ALA B 47 -9.62 1.81 7.51
C ALA B 47 -8.74 0.61 7.82
N PRO B 48 -7.44 0.83 8.15
CA PRO B 48 -6.60 -0.31 8.39
C PRO B 48 -6.90 -1.09 9.67
N LEU B 49 -6.65 -2.40 9.61
CA LEU B 49 -6.69 -3.29 10.77
C LEU B 49 -5.21 -3.39 11.14
N ASN B 50 -4.87 -2.99 12.37
CA ASN B 50 -3.49 -2.92 12.88
C ASN B 50 -3.17 -3.95 13.95
N GLY B 51 -2.10 -4.71 13.75
CA GLY B 51 -1.67 -5.78 14.67
C GLY B 51 -2.28 -7.13 14.33
N ARG B 52 -1.71 -8.20 14.86
CA ARG B 52 -2.11 -9.56 14.47
C ARG B 52 -3.55 -9.93 14.84
N ALA B 53 -4.01 -9.50 16.02
CA ALA B 53 -5.37 -9.83 16.43
C ALA B 53 -6.39 -9.14 15.49
N ALA B 54 -6.16 -7.87 15.16
CA ALA B 54 -7.09 -7.14 14.28
C ALA B 54 -7.09 -7.77 12.90
N VAL B 55 -5.91 -8.00 12.35
CA VAL B 55 -5.77 -8.62 11.00
C VAL B 55 -6.48 -9.97 10.94
N ALA B 56 -6.23 -10.79 11.94
CA ALA B 56 -6.87 -12.09 12.07
C ALA B 56 -8.39 -11.94 12.18
N ALA B 57 -8.89 -10.99 12.97
CA ALA B 57 -10.35 -10.80 13.08
C ALA B 57 -10.97 -10.38 11.75
N GLY B 58 -10.25 -9.56 11.00
CA GLY B 58 -10.72 -9.11 9.69
C GLY B 58 -10.82 -10.23 8.68
N TRP B 59 -9.81 -11.09 8.61
CA TRP B 59 -9.88 -12.24 7.69
C TRP B 59 -10.96 -13.21 8.15
N ARG B 60 -11.05 -13.40 9.46
CA ARG B 60 -12.07 -14.29 10.00
C ARG B 60 -13.45 -13.80 9.58
N SER B 61 -13.67 -12.50 9.75
CA SER B 61 -14.96 -11.90 9.41
C SER B 61 -15.24 -12.02 7.92
N PHE B 63 -13.91 -14.18 5.71
CA PHE B 63 -14.07 -15.58 5.33
C PHE B 63 -15.41 -16.12 5.81
N GLY B 64 -15.81 -15.72 7.00
CA GLY B 64 -17.06 -16.20 7.56
C GLY B 64 -18.34 -15.76 6.86
N ALA B 65 -18.31 -14.55 6.30
CA ALA B 65 -19.48 -13.92 5.68
C ALA B 65 -19.51 -14.02 4.16
N ALA B 66 -18.37 -14.27 3.55
CA ALA B 66 -18.25 -14.19 2.08
C ALA B 66 -18.98 -15.26 1.28
N GLY B 67 -19.17 -16.44 1.87
CA GLY B 67 -19.70 -17.56 1.11
C GLY B 67 -18.61 -17.98 0.10
N ARG B 68 -19.01 -18.81 -0.85
CA ARG B 68 -18.10 -19.36 -1.88
C ARG B 68 -17.79 -18.39 -3.05
N PHE B 69 -16.51 -18.31 -3.37
CA PHE B 69 -16.05 -17.52 -4.51
C PHE B 69 -14.73 -18.11 -5.05
N ARG B 70 -14.35 -17.67 -6.24
CA ARG B 70 -13.08 -18.03 -6.84
C ARG B 70 -12.27 -16.75 -7.00
N LEU B 71 -10.95 -16.91 -7.00
CA LEU B 71 -10.02 -15.82 -7.11
C LEU B 71 -8.94 -16.11 -8.14
N GLN B 72 -8.69 -15.15 -9.02
CA GLN B 72 -7.59 -15.23 -9.99
C GLN B 72 -6.80 -13.95 -9.79
N VAL B 73 -5.46 -14.02 -9.83
CA VAL B 73 -4.61 -12.87 -9.62
CA VAL B 73 -4.64 -12.84 -9.64
C VAL B 73 -3.61 -12.68 -10.77
N LYS B 74 -3.35 -11.43 -11.14
CA LYS B 74 -2.37 -11.07 -12.19
C LYS B 74 -1.46 -9.99 -11.62
N ALA B 75 -0.15 -10.19 -11.72
CA ALA B 75 0.80 -9.18 -11.23
C ALA B 75 0.84 -8.01 -12.22
N VAL B 76 1.03 -6.83 -11.68
CA VAL B 76 1.02 -5.64 -12.48
C VAL B 76 2.42 -5.03 -12.42
N HIS B 77 3.04 -5.02 -11.24
CA HIS B 77 4.33 -4.41 -11.10
C HIS B 77 4.94 -4.89 -9.82
N GLU B 78 6.24 -4.74 -9.71
CA GLU B 78 6.93 -5.15 -8.51
C GLU B 78 8.05 -4.16 -8.23
N ILE B 79 8.30 -3.90 -6.95
CA ILE B 79 9.44 -3.11 -6.53
C ILE B 79 10.25 -4.05 -5.64
N ARG B 80 11.43 -4.41 -6.13
CA ARG B 80 12.26 -5.40 -5.50
C ARG B 80 13.51 -4.83 -4.83
N GLN B 81 13.64 -5.06 -3.51
CA GLN B 81 14.87 -4.75 -2.78
C GLN B 81 15.29 -6.02 -2.03
N ALA B 82 16.47 -6.00 -1.45
CA ALA B 82 16.98 -7.23 -0.82
C ALA B 82 16.14 -7.60 0.40
N ASP B 83 15.73 -6.60 1.18
CA ASP B 83 15.01 -6.81 2.46
C ASP B 83 13.48 -6.75 2.41
N HIS B 84 12.94 -6.05 1.42
CA HIS B 84 11.51 -5.89 1.21
C HIS B 84 11.19 -5.95 -0.28
N VAL B 85 10.09 -6.63 -0.59
CA VAL B 85 9.61 -6.76 -1.97
C VAL B 85 8.14 -6.36 -1.98
N ILE B 86 7.79 -5.37 -2.82
CA ILE B 86 6.41 -4.91 -2.98
C ILE B 86 5.89 -5.44 -4.31
N ARG B 87 4.75 -6.12 -4.26
CA ARG B 87 4.10 -6.67 -5.45
C ARG B 87 2.72 -6.04 -5.57
N ILE B 88 2.46 -5.43 -6.72
CA ILE B 88 1.18 -4.80 -7.02
C ILE B 88 0.45 -5.72 -7.97
N VAL B 89 -0.78 -6.11 -7.60
CA VAL B 89 -1.53 -7.09 -8.34
C VAL B 89 -3.00 -6.72 -8.54
N ASP B 90 -3.59 -7.26 -9.60
CA ASP B 90 -5.03 -7.17 -9.84
C ASP B 90 -5.68 -8.45 -9.31
N GLU B 91 -6.71 -8.30 -8.48
CA GLU B 91 -7.47 -9.44 -7.94
C GLU B 91 -8.84 -9.55 -8.62
N PHE B 92 -9.10 -10.70 -9.21
CA PHE B 92 -10.34 -10.94 -9.93
C PHE B 92 -11.17 -11.97 -9.20
N LEU B 93 -12.29 -11.53 -8.62
CA LEU B 93 -13.18 -12.44 -7.90
C LEU B 93 -14.42 -12.79 -8.72
N THR B 94 -14.72 -14.10 -8.77
CA THR B 94 -15.92 -14.58 -9.42
C THR B 94 -16.78 -15.04 -8.25
N ILE B 95 -17.95 -14.43 -8.12
CA ILE B 95 -18.79 -14.70 -6.97
C ILE B 95 -19.92 -15.68 -7.23
N GLY B 96 -20.09 -16.60 -6.27
CA GLY B 96 -21.14 -17.59 -6.29
C GLY B 96 -21.27 -18.32 -7.60
N ASP B 97 -22.46 -18.23 -8.20
CA ASP B 97 -22.79 -18.93 -9.44
C ASP B 97 -22.50 -18.17 -10.74
N GLU B 98 -21.63 -17.16 -10.72
CA GLU B 98 -21.25 -16.45 -11.95
C GLU B 98 -20.03 -17.14 -12.54
N THR B 99 -19.77 -16.96 -13.85
CA THR B 99 -18.60 -17.61 -14.53
C THR B 99 -17.67 -16.65 -15.30
N ALA B 100 -17.88 -15.36 -15.07
CA ALA B 100 -16.98 -14.32 -15.56
C ALA B 100 -16.71 -13.48 -14.30
N PRO B 101 -15.47 -13.02 -14.13
CA PRO B 101 -15.14 -12.28 -12.89
C PRO B 101 -15.64 -10.85 -12.78
N ARG B 102 -15.84 -10.41 -11.55
CA ARG B 102 -16.19 -9.03 -11.24
C ARG B 102 -14.99 -8.11 -11.57
N PRO B 103 -15.20 -6.78 -11.54
CA PRO B 103 -14.10 -5.89 -11.85
C PRO B 103 -12.96 -6.02 -10.87
N ALA B 104 -11.75 -5.94 -11.40
CA ALA B 104 -10.53 -6.04 -10.64
C ALA B 104 -10.48 -5.10 -9.42
N ILE B 105 -9.82 -5.61 -8.40
CA ILE B 105 -9.47 -4.92 -7.17
C ILE B 105 -7.95 -4.89 -7.24
N LEU B 106 -7.39 -3.73 -6.96
CA LEU B 106 -5.94 -3.57 -6.90
C LEU B 106 -5.43 -3.86 -5.51
N ALA B 107 -4.25 -4.48 -5.39
CA ALA B 107 -3.66 -4.68 -4.09
C ALA B 107 -2.16 -4.49 -4.12
N THR B 108 -1.67 -3.76 -3.13
CA THR B 108 -0.26 -3.64 -2.86
C THR B 108 0.03 -4.61 -1.70
N ASN B 109 0.91 -5.58 -1.96
CA ASN B 109 1.34 -6.55 -0.97
C ASN B 109 2.85 -6.37 -0.69
N VAL B 110 3.19 -6.23 0.57
CA VAL B 110 4.57 -5.98 0.97
C VAL B 110 5.07 -7.18 1.75
N TYR B 111 6.18 -7.76 1.29
CA TYR B 111 6.86 -8.92 1.88
C TYR B 111 8.20 -8.50 2.46
N ARG B 112 8.47 -9.02 3.65
CA ARG B 112 9.67 -8.72 4.40
C ARG B 112 10.49 -9.97 4.59
N ARG B 113 11.80 -9.85 4.39
CA ARG B 113 12.72 -10.95 4.52
C ARG B 113 13.02 -11.20 5.97
N GLU B 114 13.21 -12.46 6.31
CA GLU B 114 13.61 -12.85 7.68
C GLU B 114 14.80 -13.78 7.44
N ALA B 115 15.48 -14.18 8.51
CA ALA B 115 16.67 -15.04 8.35
C ALA B 115 16.44 -16.35 7.58
N ASP B 116 15.22 -16.88 7.71
CA ASP B 116 14.91 -18.19 7.13
C ASP B 116 13.84 -18.18 6.05
N GLY B 117 13.27 -17.03 5.72
CA GLY B 117 12.24 -16.95 4.69
C GLY B 117 11.57 -15.57 4.61
N TRP B 118 10.39 -15.53 4.00
CA TRP B 118 9.62 -14.27 3.81
C TRP B 118 8.21 -14.34 4.36
N ARG B 119 7.72 -13.19 4.86
CA ARG B 119 6.36 -13.06 5.38
CA ARG B 119 6.38 -13.05 5.41
C ARG B 119 5.76 -11.74 4.95
N VAL B 121 3.87 -8.28 5.57
CA VAL B 121 3.68 -7.27 6.62
C VAL B 121 2.52 -6.28 6.32
N LEU B 122 2.13 -6.17 5.05
CA LEU B 122 1.04 -5.25 4.68
C LEU B 122 0.33 -5.72 3.41
N HIS B 123 -0.99 -5.54 3.41
CA HIS B 123 -1.88 -5.80 2.28
C HIS B 123 -2.74 -4.56 2.22
N HIS B 124 -2.72 -3.85 1.09
CA HIS B 124 -3.53 -2.63 0.89
C HIS B 124 -4.30 -2.86 -0.40
N ALA B 125 -5.60 -3.14 -0.26
CA ALA B 125 -6.52 -3.35 -1.40
C ALA B 125 -7.37 -2.11 -1.65
N SER B 126 -7.66 -1.86 -2.93
CA SER B 126 -8.46 -0.69 -3.32
C SER B 126 -9.21 -0.95 -4.62
N PRO B 127 -10.39 -0.36 -4.78
CA PRO B 127 -11.10 -0.56 -6.08
C PRO B 127 -10.51 0.28 -7.22
N LEU B 128 -10.85 -0.07 -8.45
CA LEU B 128 -10.41 0.65 -9.65
C LEU B 128 -11.64 1.27 -10.35
N GLN B 129 -11.61 2.57 -10.60
CA GLN B 129 -12.73 3.28 -11.24
C GLN B 129 -13.16 2.62 -12.56
#